data_8HCG
#
_entry.id   8HCG
#
_cell.length_a   92.585
_cell.length_b   92.585
_cell.length_c   67.440
_cell.angle_alpha   90.000
_cell.angle_beta   90.000
_cell.angle_gamma   120.000
#
_symmetry.space_group_name_H-M   'P 32 2 1'
#
loop_
_entity.id
_entity.type
_entity.pdbx_description
1 polymer 'Three-prime repair exonuclease 1'
2 non-polymer 'PENTAETHYLENE GLYCOL'
3 non-polymer 'SODIUM ION'
4 non-polymer "2'-DEOXYADENOSINE-5'-MONOPHOSPHATE"
5 non-polymer 'MAGNESIUM ION'
6 water water
#
_entity_poly.entity_id   1
_entity_poly.type   'polypeptide(L)'
_entity_poly.pdbx_seq_one_letter_code
;MQTLIFLDLEATGLPSSRPEVTELCLLAVHRRALENTSISQGHPPPVPRPPRVVDKLSLCIAPGKACSPGASEITGLSKA
ELEVQGRQRFDDNLAILLRAFLQRQPQPCCLVAHNGDRYDFPLLQTELARLSTPSPLDGTFCVDSIAALKALEQASSPSG
NGSRKSYSLGSIYTRLYWQAPTDSHTAEGDVLTLLSICQWKPQALLQWVDEHARPFSTVKPMYGTPATTGTTLEHHHHHH
;
_entity_poly.pdbx_strand_id   A
#
loop_
_chem_comp.id
_chem_comp.type
_chem_comp.name
_chem_comp.formula
1PE non-polymer 'PENTAETHYLENE GLYCOL' 'C10 H22 O6'
D5M non-polymer 2'-DEOXYADENOSINE-5'-MONOPHOSPHATE 'C10 H14 N5 O6 P'
MG non-polymer 'MAGNESIUM ION' 'Mg 2'
NA non-polymer 'SODIUM ION' 'Na 1'
#
# COMPACT_ATOMS: atom_id res chain seq x y z
N MET A 1 -3.26 -6.21 16.53
CA MET A 1 -2.64 -6.61 15.27
C MET A 1 -1.12 -6.72 15.44
N GLN A 2 -0.56 -7.87 15.06
CA GLN A 2 0.87 -8.11 15.25
C GLN A 2 1.69 -7.42 14.17
N THR A 3 1.25 -7.51 12.93
CA THR A 3 2.05 -7.06 11.80
C THR A 3 1.23 -6.08 10.96
N LEU A 4 1.85 -4.98 10.57
CA LEU A 4 1.30 -4.04 9.60
C LEU A 4 2.01 -4.30 8.27
N ILE A 5 1.25 -4.41 7.20
CA ILE A 5 1.85 -4.66 5.91
C ILE A 5 1.51 -3.46 5.04
N PHE A 6 2.45 -2.54 4.92
CA PHE A 6 2.25 -1.40 4.05
C PHE A 6 2.22 -1.87 2.60
N LEU A 7 1.22 -1.43 1.86
CA LEU A 7 0.96 -1.93 0.53
C LEU A 7 0.77 -0.76 -0.42
N ASP A 8 1.35 -0.85 -1.61
CA ASP A 8 0.97 0.08 -2.66
C ASP A 8 1.09 -0.62 -4.01
N LEU A 9 0.26 -0.21 -4.96
CA LEU A 9 0.26 -0.78 -6.31
C LEU A 9 0.45 0.30 -7.36
N GLU A 10 1.07 -0.04 -8.48
CA GLU A 10 0.92 0.76 -9.71
C GLU A 10 0.07 -0.07 -10.65
N ALA A 11 -0.55 0.59 -11.63
CA ALA A 11 -1.43 -0.13 -12.54
C ALA A 11 -1.59 0.65 -13.84
N THR A 12 -2.39 0.10 -14.76
CA THR A 12 -2.49 0.63 -16.11
C THR A 12 -3.35 1.88 -16.22
N GLY A 13 -4.12 2.21 -15.19
CA GLY A 13 -4.98 3.39 -15.30
C GLY A 13 -5.87 3.55 -14.08
N LEU A 14 -6.78 4.49 -14.19
CA LEU A 14 -7.72 4.78 -13.11
C LEU A 14 -8.89 3.80 -13.14
N PRO A 15 -9.72 3.78 -12.10
CA PRO A 15 -10.71 2.69 -11.99
C PRO A 15 -11.63 2.58 -13.18
N SER A 16 -12.01 3.71 -13.80
CA SER A 16 -12.91 3.67 -14.94
C SER A 16 -12.36 2.85 -16.09
N SER A 17 -11.03 2.70 -16.17
CA SER A 17 -10.42 1.99 -17.27
C SER A 17 -10.31 0.48 -17.06
N ARG A 18 -10.86 -0.05 -15.97
CA ARG A 18 -10.72 -1.46 -15.62
C ARG A 18 -9.23 -1.85 -15.62
N PRO A 19 -8.45 -1.28 -14.71
CA PRO A 19 -6.99 -1.40 -14.80
C PRO A 19 -6.48 -2.75 -14.32
N GLU A 20 -5.23 -3.03 -14.71
CA GLU A 20 -4.52 -4.23 -14.27
C GLU A 20 -3.21 -3.80 -13.61
N VAL A 21 -2.81 -4.53 -12.56
CA VAL A 21 -1.61 -4.20 -11.80
C VAL A 21 -0.34 -4.37 -12.63
N THR A 22 0.56 -3.38 -12.49
CA THR A 22 1.87 -3.42 -13.11
C THR A 22 2.99 -3.47 -12.09
N GLU A 23 2.73 -3.12 -10.84
CA GLU A 23 3.74 -3.19 -9.80
C GLU A 23 3.06 -3.31 -8.44
N LEU A 24 3.68 -4.08 -7.56
CA LEU A 24 3.14 -4.29 -6.22
C LEU A 24 4.27 -4.27 -5.23
N CYS A 25 4.10 -3.55 -4.11
CA CYS A 25 5.08 -3.59 -3.05
C CYS A 25 4.38 -3.80 -1.72
N LEU A 26 4.90 -4.73 -0.95
CA LEU A 26 4.51 -4.99 0.43
C LEU A 26 5.71 -4.76 1.35
N LEU A 27 5.48 -4.08 2.46
CA LEU A 27 6.53 -3.87 3.45
C LEU A 27 5.92 -4.22 4.80
N ALA A 28 6.38 -5.32 5.37
CA ALA A 28 5.84 -5.83 6.63
C ALA A 28 6.70 -5.39 7.80
N VAL A 29 6.03 -4.79 8.79
CA VAL A 29 6.66 -4.22 9.99
C VAL A 29 5.94 -4.82 11.18
N HIS A 30 6.66 -5.41 12.14
CA HIS A 30 6.00 -5.78 13.39
C HIS A 30 5.58 -4.53 14.16
N ARG A 31 4.47 -4.63 14.93
CA ARG A 31 4.02 -3.45 15.67
C ARG A 31 5.11 -2.90 16.60
N ARG A 32 5.92 -3.77 17.19
CA ARG A 32 7.00 -3.28 18.05
C ARG A 32 7.93 -2.31 17.31
N ALA A 33 8.24 -2.60 16.04
CA ALA A 33 9.17 -1.75 15.30
C ALA A 33 8.62 -0.34 15.13
N LEU A 34 7.30 -0.22 15.00
CA LEU A 34 6.69 1.10 14.88
C LEU A 34 6.54 1.78 16.24
N GLU A 35 6.10 1.05 17.26
CA GLU A 35 6.02 1.61 18.60
C GLU A 35 7.36 2.18 19.05
N ASN A 36 8.46 1.64 18.53
CA ASN A 36 9.80 2.01 18.97
C ASN A 36 10.38 3.19 18.20
N THR A 37 9.64 3.77 17.28
CA THR A 37 10.16 4.92 16.55
C THR A 37 10.30 6.11 17.50
N SER A 38 10.94 7.17 16.98
CA SER A 38 11.20 8.39 17.75
C SER A 38 12.42 8.22 18.65
N GLN A 41 10.48 15.77 18.08
CA GLN A 41 11.64 15.66 17.20
C GLN A 41 12.08 17.05 16.74
N GLY A 42 11.12 17.94 16.60
CA GLY A 42 11.38 19.29 16.14
C GLY A 42 10.23 19.80 15.30
N HIS A 43 10.43 20.99 14.74
CA HIS A 43 9.46 21.58 13.82
C HIS A 43 10.21 22.38 12.75
N PRO A 44 10.28 21.88 11.51
CA PRO A 44 9.77 20.56 11.09
C PRO A 44 10.65 19.46 11.65
N PRO A 45 10.04 18.33 12.05
CA PRO A 45 10.85 17.20 12.49
C PRO A 45 11.70 16.65 11.34
N PRO A 46 12.87 16.09 11.65
CA PRO A 46 13.61 15.38 10.60
C PRO A 46 12.86 14.14 10.16
N VAL A 47 13.14 13.68 8.94
CA VAL A 47 12.46 12.52 8.38
C VAL A 47 12.85 11.28 9.17
N PRO A 48 11.88 10.56 9.77
CA PRO A 48 12.24 9.44 10.64
C PRO A 48 13.02 8.38 9.88
N ARG A 49 13.85 7.68 10.59
CA ARG A 49 14.54 6.53 10.02
C ARG A 49 13.59 5.34 10.02
N PRO A 50 13.49 4.60 8.91
CA PRO A 50 12.62 3.43 8.90
C PRO A 50 13.06 2.44 9.94
N PRO A 51 12.16 1.58 10.39
CA PRO A 51 12.56 0.53 11.33
C PRO A 51 13.61 -0.34 10.67
N ARG A 52 14.44 -0.95 11.52
CA ARG A 52 15.53 -1.80 11.00
C ARG A 52 15.01 -3.14 10.51
N VAL A 53 14.09 -3.75 11.26
CA VAL A 53 13.62 -5.12 11.00
C VAL A 53 12.37 -4.98 10.15
N VAL A 54 12.51 -5.28 8.86
CA VAL A 54 11.37 -5.20 7.95
C VAL A 54 11.52 -6.30 6.93
N ASP A 55 10.40 -6.78 6.40
CA ASP A 55 10.38 -7.65 5.24
C ASP A 55 9.77 -6.88 4.06
N LYS A 56 10.36 -7.00 2.89
CA LYS A 56 9.88 -6.26 1.74
C LYS A 56 9.79 -7.16 0.54
N LEU A 57 8.74 -6.95 -0.25
CA LEU A 57 8.57 -7.62 -1.54
C LEU A 57 8.12 -6.56 -2.52
N SER A 58 8.81 -6.44 -3.66
CA SER A 58 8.40 -5.50 -4.68
C SER A 58 8.53 -6.21 -6.00
N LEU A 59 7.44 -6.26 -6.78
CA LEU A 59 7.42 -7.05 -8.00
C LEU A 59 6.82 -6.23 -9.14
N CYS A 60 7.44 -6.30 -10.32
CA CYS A 60 6.82 -5.72 -11.52
C CYS A 60 6.06 -6.82 -12.24
N ILE A 61 4.93 -6.47 -12.83
CA ILE A 61 3.96 -7.43 -13.33
C ILE A 61 3.51 -7.00 -14.72
N ALA A 62 3.58 -7.90 -15.67
CA ALA A 62 3.12 -7.62 -17.02
C ALA A 62 1.60 -7.59 -17.02
N PRO A 63 0.97 -6.48 -17.44
CA PRO A 63 -0.49 -6.43 -17.51
C PRO A 63 -1.00 -7.03 -18.82
N GLY A 64 -2.30 -7.34 -18.84
CA GLY A 64 -2.90 -7.82 -20.06
C GLY A 64 -3.38 -6.74 -21.01
N LYS A 65 -3.29 -5.49 -20.62
CA LYS A 65 -3.78 -4.39 -21.45
C LYS A 65 -2.76 -3.27 -21.37
N ALA A 66 -2.82 -2.36 -22.35
CA ALA A 66 -1.91 -1.22 -22.36
C ALA A 66 -2.20 -0.23 -21.22
N CYS A 67 -1.14 0.43 -20.77
CA CYS A 67 -1.27 1.53 -19.83
C CYS A 67 -1.82 2.76 -20.53
N SER A 68 -2.64 3.52 -19.81
CA SER A 68 -3.04 4.86 -20.26
C SER A 68 -1.82 5.78 -20.24
N PRO A 69 -1.85 6.87 -21.00
CA PRO A 69 -0.67 7.76 -21.03
C PRO A 69 -0.31 8.31 -19.68
N GLY A 70 -1.29 8.80 -18.91
CA GLY A 70 -0.98 9.36 -17.61
C GLY A 70 -0.36 8.32 -16.69
N ALA A 71 -0.90 7.10 -16.69
CA ALA A 71 -0.37 6.07 -15.81
C ALA A 71 1.06 5.73 -16.19
N SER A 72 1.29 5.54 -17.49
CA SER A 72 2.64 5.19 -17.94
C SER A 72 3.63 6.31 -17.64
N GLU A 73 3.20 7.57 -17.83
CA GLU A 73 4.12 8.67 -17.67
C GLU A 73 4.45 8.97 -16.21
N ILE A 74 3.54 8.77 -15.29
CA ILE A 74 3.90 9.03 -13.90
C ILE A 74 4.60 7.83 -13.25
N THR A 75 4.30 6.62 -13.70
CA THR A 75 4.93 5.44 -13.09
C THR A 75 6.25 5.05 -13.74
N GLY A 76 6.47 5.44 -14.98
CA GLY A 76 7.60 5.00 -15.77
C GLY A 76 7.52 3.56 -16.25
N LEU A 77 6.36 2.94 -16.17
CA LEU A 77 6.15 1.59 -16.64
C LEU A 77 5.31 1.62 -17.91
N SER A 78 5.50 0.62 -18.75
CA SER A 78 4.61 0.37 -19.88
C SER A 78 4.51 -1.13 -20.08
N LYS A 79 3.40 -1.58 -20.68
CA LYS A 79 3.22 -3.00 -20.95
C LYS A 79 4.38 -3.54 -21.81
N ALA A 80 4.69 -2.82 -22.87
CA ALA A 80 5.73 -3.29 -23.78
C ALA A 80 7.09 -3.39 -23.08
N GLU A 81 7.42 -2.43 -22.22
CA GLU A 81 8.69 -2.51 -21.50
C GLU A 81 8.68 -3.67 -20.50
N LEU A 82 7.56 -3.88 -19.81
CA LEU A 82 7.49 -5.00 -18.88
C LEU A 82 7.63 -6.33 -19.62
N GLU A 83 7.02 -6.43 -20.79
CA GLU A 83 7.08 -7.69 -21.53
C GLU A 83 8.49 -7.93 -22.07
N VAL A 84 9.15 -6.90 -22.59
CA VAL A 84 10.48 -7.11 -23.16
C VAL A 84 11.48 -7.49 -22.08
N GLN A 85 11.23 -7.12 -20.82
CA GLN A 85 12.05 -7.50 -19.68
C GLN A 85 11.55 -8.78 -19.00
N GLY A 86 10.70 -9.52 -19.69
CA GLY A 86 10.32 -10.86 -19.27
C GLY A 86 9.41 -10.94 -18.09
N ARG A 87 8.72 -9.86 -17.73
CA ARG A 87 7.89 -9.96 -16.54
C ARG A 87 6.69 -10.84 -16.84
N GLN A 88 6.27 -11.61 -15.85
CA GLN A 88 5.12 -12.49 -15.98
C GLN A 88 3.82 -11.83 -15.55
N ARG A 89 2.71 -12.41 -15.97
CA ARG A 89 1.41 -11.89 -15.59
C ARG A 89 1.14 -12.13 -14.10
N PHE A 90 0.05 -11.55 -13.64
CA PHE A 90 -0.48 -11.84 -12.31
C PHE A 90 -1.06 -13.26 -12.33
N ASP A 91 -0.34 -14.23 -11.78
CA ASP A 91 -0.73 -15.62 -11.98
C ASP A 91 -0.69 -16.45 -10.69
N ASP A 92 -0.92 -17.77 -10.80
CA ASP A 92 -1.02 -18.56 -9.58
C ASP A 92 0.30 -18.61 -8.83
N ASN A 93 1.44 -18.61 -9.52
CA ASN A 93 2.73 -18.60 -8.83
C ASN A 93 2.89 -17.34 -7.98
N LEU A 94 2.46 -16.19 -8.51
CA LEU A 94 2.47 -14.96 -7.71
C LEU A 94 1.65 -15.12 -6.45
N ALA A 95 0.50 -15.78 -6.56
CA ALA A 95 -0.32 -16.04 -5.37
C ALA A 95 0.44 -16.90 -4.36
N ILE A 96 1.18 -17.91 -4.83
CA ILE A 96 1.94 -18.76 -3.91
C ILE A 96 3.03 -17.94 -3.23
N LEU A 97 3.66 -17.06 -3.99
CA LEU A 97 4.68 -16.16 -3.45
C LEU A 97 4.10 -15.27 -2.36
N LEU A 98 2.95 -14.65 -2.63
CA LEU A 98 2.30 -13.81 -1.63
C LEU A 98 1.95 -14.59 -0.38
N ARG A 99 1.41 -15.80 -0.54
CA ARG A 99 1.06 -16.63 0.61
C ARG A 99 2.28 -16.95 1.46
N ALA A 100 3.39 -17.35 0.83
CA ALA A 100 4.58 -17.68 1.61
C ALA A 100 5.13 -16.44 2.32
N PHE A 101 5.06 -15.28 1.66
CA PHE A 101 5.53 -14.06 2.30
C PHE A 101 4.66 -13.73 3.51
N LEU A 102 3.34 -13.84 3.36
CA LEU A 102 2.47 -13.57 4.48
C LEU A 102 2.67 -14.59 5.59
N GLN A 103 2.95 -15.84 5.24
CA GLN A 103 3.10 -16.85 6.28
C GLN A 103 4.33 -16.61 7.15
N ARG A 104 5.24 -15.75 6.73
CA ARG A 104 6.39 -15.40 7.54
C ARG A 104 6.06 -14.31 8.54
N GLN A 105 4.88 -13.75 8.46
CA GLN A 105 4.60 -12.62 9.35
C GLN A 105 3.80 -13.11 10.54
N PRO A 106 4.08 -12.57 11.72
CA PRO A 106 3.24 -12.87 12.89
C PRO A 106 1.81 -12.39 12.67
N GLN A 107 0.86 -13.23 13.04
CA GLN A 107 -0.55 -12.98 12.80
C GLN A 107 -1.22 -12.42 14.05
N PRO A 108 -2.31 -11.66 13.87
CA PRO A 108 -2.88 -11.25 12.58
C PRO A 108 -2.12 -10.12 11.91
N CYS A 109 -2.32 -9.99 10.59
CA CYS A 109 -1.66 -8.99 9.76
C CYS A 109 -2.70 -8.00 9.26
N CYS A 110 -2.32 -6.74 9.14
CA CYS A 110 -3.22 -5.74 8.56
C CYS A 110 -2.53 -5.01 7.42
N LEU A 111 -3.12 -5.06 6.24
CA LEU A 111 -2.64 -4.26 5.12
C LEU A 111 -2.98 -2.80 5.35
N VAL A 112 -2.05 -1.92 4.98
CA VAL A 112 -2.23 -0.48 5.13
C VAL A 112 -1.92 0.15 3.79
N ALA A 113 -2.88 0.80 3.17
CA ALA A 113 -2.67 1.42 1.87
C ALA A 113 -3.33 2.78 1.87
N HIS A 114 -2.68 3.70 1.19
CA HIS A 114 -3.13 5.09 1.01
C HIS A 114 -4.17 5.17 -0.10
N ASN A 115 -5.41 5.48 0.26
CA ASN A 115 -6.54 5.40 -0.68
C ASN A 115 -6.83 3.93 -1.02
N GLY A 116 -6.51 3.01 -0.10
CA GLY A 116 -6.71 1.58 -0.35
C GLY A 116 -8.17 1.20 -0.62
N ASP A 117 -9.12 1.85 0.07
CA ASP A 117 -10.52 1.43 -0.05
C ASP A 117 -11.09 1.68 -1.44
N ARG A 118 -10.63 2.75 -2.09
CA ARG A 118 -11.08 3.11 -3.41
C ARG A 118 -10.15 2.66 -4.53
N TYR A 119 -8.97 2.13 -4.24
CA TYR A 119 -8.09 1.75 -5.35
C TYR A 119 -7.38 0.43 -5.07
N ASP A 120 -6.38 0.44 -4.18
CA ASP A 120 -5.51 -0.73 -4.08
C ASP A 120 -6.26 -1.98 -3.67
N PHE A 121 -7.12 -1.89 -2.66
CA PHE A 121 -7.74 -3.11 -2.18
C PHE A 121 -8.68 -3.70 -3.22
N PRO A 122 -9.63 -2.95 -3.79
CA PRO A 122 -10.53 -3.56 -4.78
C PRO A 122 -9.79 -4.05 -6.03
N LEU A 123 -8.71 -3.37 -6.43
CA LEU A 123 -7.95 -3.83 -7.59
C LEU A 123 -7.23 -5.13 -7.29
N LEU A 124 -6.60 -5.24 -6.13
CA LEU A 124 -5.96 -6.49 -5.75
C LEU A 124 -6.96 -7.62 -5.67
N GLN A 125 -8.15 -7.35 -5.15
CA GLN A 125 -9.19 -8.38 -5.10
C GLN A 125 -9.61 -8.81 -6.50
N THR A 126 -9.67 -7.85 -7.45
CA THR A 126 -9.96 -8.22 -8.84
C THR A 126 -8.92 -9.19 -9.39
N GLU A 127 -7.64 -8.87 -9.18
CA GLU A 127 -6.56 -9.71 -9.70
C GLU A 127 -6.61 -11.09 -9.08
N LEU A 128 -6.83 -11.15 -7.77
CA LEU A 128 -6.87 -12.45 -7.07
C LEU A 128 -8.05 -13.28 -7.51
N ALA A 129 -9.18 -12.63 -7.84
CA ALA A 129 -10.38 -13.35 -8.25
C ALA A 129 -10.18 -14.04 -9.59
N ARG A 130 -9.17 -13.64 -10.37
CA ARG A 130 -8.95 -14.28 -11.66
C ARG A 130 -8.22 -15.61 -11.54
N LEU A 131 -7.74 -15.98 -10.36
CA LEU A 131 -6.86 -17.12 -10.19
C LEU A 131 -7.65 -18.36 -9.78
N SER A 132 -6.99 -19.51 -9.92
CA SER A 132 -7.56 -20.78 -9.49
C SER A 132 -7.17 -21.10 -8.06
N THR A 133 -6.17 -20.42 -7.53
CA THR A 133 -5.68 -20.59 -6.17
C THR A 133 -6.58 -19.80 -5.22
N PRO A 134 -6.93 -20.35 -4.06
CA PRO A 134 -7.63 -19.54 -3.05
C PRO A 134 -6.80 -18.31 -2.74
N SER A 135 -7.49 -17.24 -2.39
CA SER A 135 -6.80 -15.99 -2.16
C SER A 135 -5.83 -16.12 -0.99
N PRO A 136 -4.57 -15.70 -1.13
CA PRO A 136 -3.66 -15.65 0.02
C PRO A 136 -3.99 -14.55 1.03
N LEU A 137 -4.87 -13.61 0.69
CA LEU A 137 -5.19 -12.52 1.59
C LEU A 137 -6.45 -12.76 2.43
N ASP A 138 -7.12 -13.91 2.31
CA ASP A 138 -8.45 -14.02 2.92
C ASP A 138 -8.43 -14.02 4.44
N GLY A 139 -7.31 -14.34 5.06
CA GLY A 139 -7.20 -14.21 6.50
C GLY A 139 -6.61 -12.91 7.00
N THR A 140 -6.37 -11.94 6.12
CA THR A 140 -5.77 -10.68 6.54
C THR A 140 -6.84 -9.61 6.74
N PHE A 141 -6.43 -8.57 7.43
CA PHE A 141 -7.22 -7.37 7.65
C PHE A 141 -6.69 -6.25 6.79
N CYS A 142 -7.44 -5.16 6.72
CA CYS A 142 -6.93 -3.99 6.00
C CYS A 142 -7.49 -2.69 6.58
N VAL A 143 -6.73 -1.60 6.34
CA VAL A 143 -7.15 -0.25 6.66
C VAL A 143 -6.66 0.70 5.58
N ASP A 144 -7.41 1.78 5.38
CA ASP A 144 -7.02 2.89 4.52
C ASP A 144 -6.30 3.92 5.38
N SER A 145 -5.03 4.22 5.09
CA SER A 145 -4.30 5.14 5.94
C SER A 145 -4.90 6.54 5.94
N ILE A 146 -5.62 6.93 4.89
CA ILE A 146 -6.21 8.26 4.86
C ILE A 146 -7.27 8.39 5.93
N ALA A 147 -8.03 7.33 6.16
CA ALA A 147 -9.03 7.36 7.23
C ALA A 147 -8.35 7.56 8.57
N ALA A 148 -7.18 6.96 8.76
CA ALA A 148 -6.47 7.10 10.02
C ALA A 148 -5.98 8.53 10.20
N LEU A 149 -5.37 9.10 9.15
CA LEU A 149 -4.90 10.48 9.26
C LEU A 149 -6.04 11.43 9.54
N LYS A 150 -7.15 11.28 8.84
CA LYS A 150 -8.27 12.19 9.07
C LYS A 150 -8.83 12.04 10.48
N ALA A 151 -8.82 10.83 11.03
CA ALA A 151 -9.27 10.65 12.41
C ALA A 151 -8.31 11.34 13.38
N LEU A 152 -7.02 11.28 13.08
CA LEU A 152 -6.04 11.97 13.91
C LEU A 152 -6.25 13.48 13.84
N GLU A 153 -6.53 14.02 12.65
CA GLU A 153 -6.79 15.45 12.53
C GLU A 153 -8.01 15.87 13.34
N GLN A 154 -9.10 15.10 13.28
CA GLN A 154 -10.31 15.46 14.01
C GLN A 154 -10.09 15.39 15.52
N ALA A 155 -9.28 14.45 15.99
CA ALA A 155 -9.01 14.34 17.42
C ALA A 155 -8.07 15.42 17.92
N SER A 156 -7.15 15.88 17.07
CA SER A 156 -6.14 16.85 17.48
C SER A 156 -6.59 18.28 17.26
N SER A 157 -7.65 18.51 16.49
CA SER A 157 -8.18 19.85 16.26
C SER A 157 -9.66 19.75 15.96
N PRO A 158 -10.47 19.37 16.96
CA PRO A 158 -11.92 19.34 16.74
C PRO A 158 -12.47 20.68 16.32
N SER A 159 -11.74 21.76 16.62
CA SER A 159 -12.18 23.11 16.29
C SER A 159 -12.56 23.22 14.81
N GLY A 160 -11.71 22.71 13.93
CA GLY A 160 -11.99 22.72 12.50
C GLY A 160 -12.57 21.40 12.02
N LYS A 165 -7.19 21.33 1.41
CA LYS A 165 -6.06 20.51 1.83
C LYS A 165 -5.98 19.24 0.95
N SER A 166 -4.80 18.98 0.40
CA SER A 166 -4.56 17.74 -0.33
C SER A 166 -4.29 16.60 0.66
N TYR A 167 -4.95 15.47 0.44
CA TYR A 167 -4.55 14.25 1.13
C TYR A 167 -3.77 13.35 0.23
N SER A 168 -3.15 13.93 -0.80
CA SER A 168 -2.17 13.22 -1.59
C SER A 168 -1.03 12.80 -0.66
N LEU A 169 -0.40 11.69 -1.01
CA LEU A 169 0.70 11.23 -0.21
C LEU A 169 1.82 12.26 -0.15
N GLY A 170 2.15 12.87 -1.28
CA GLY A 170 3.20 13.87 -1.28
C GLY A 170 2.86 15.11 -0.49
N SER A 171 1.61 15.58 -0.58
CA SER A 171 1.18 16.75 0.18
C SER A 171 1.35 16.50 1.67
N ILE A 172 0.87 15.36 2.15
CA ILE A 172 0.95 15.04 3.58
C ILE A 172 2.41 14.98 4.04
N TYR A 173 3.24 14.26 3.30
CA TYR A 173 4.65 14.18 3.66
C TYR A 173 5.32 15.55 3.71
N THR A 174 5.06 16.39 2.71
CA THR A 174 5.70 17.70 2.65
C THR A 174 5.19 18.61 3.77
N ARG A 175 3.91 18.52 4.10
CA ARG A 175 3.35 19.29 5.21
C ARG A 175 3.97 18.87 6.54
N LEU A 176 4.33 17.60 6.67
CA LEU A 176 4.92 17.11 7.90
C LEU A 176 6.40 17.46 7.99
N TYR A 177 7.15 17.22 6.91
CA TYR A 177 8.60 17.24 7.00
C TYR A 177 9.24 18.39 6.21
N TRP A 178 8.45 19.17 5.49
CA TRP A 178 8.97 20.30 4.72
C TRP A 178 10.05 19.89 3.73
N GLN A 179 9.95 18.68 3.20
CA GLN A 179 10.77 18.24 2.07
C GLN A 179 9.84 17.49 1.12
N ALA A 180 10.19 17.48 -0.15
CA ALA A 180 9.43 16.69 -1.09
C ALA A 180 9.81 15.22 -0.97
N PRO A 181 8.87 14.30 -1.19
CA PRO A 181 9.23 12.89 -1.16
C PRO A 181 10.00 12.52 -2.41
N THR A 182 10.56 11.32 -2.42
CA THR A 182 11.27 10.79 -3.56
C THR A 182 10.54 9.58 -4.15
N ASP A 183 10.74 9.38 -5.45
CA ASP A 183 10.28 8.17 -6.12
C ASP A 183 8.76 8.06 -6.11
N SER A 184 8.08 9.19 -6.37
CA SER A 184 6.61 9.18 -6.37
C SER A 184 6.09 8.33 -7.51
N HIS A 185 5.00 7.61 -7.24
CA HIS A 185 4.35 6.73 -8.23
C HIS A 185 5.22 5.56 -8.64
N THR A 186 6.10 5.12 -7.76
CA THR A 186 6.64 3.78 -7.78
C THR A 186 6.05 3.05 -6.57
N ALA A 187 5.79 1.76 -6.71
CA ALA A 187 5.14 1.06 -5.61
C ALA A 187 5.99 1.12 -4.36
N GLU A 188 7.31 0.90 -4.50
CA GLU A 188 8.16 0.90 -3.32
C GLU A 188 8.37 2.32 -2.78
N GLY A 189 8.58 3.28 -3.65
CA GLY A 189 8.77 4.64 -3.18
C GLY A 189 7.57 5.12 -2.39
N ASP A 190 6.37 4.83 -2.89
CA ASP A 190 5.16 5.28 -2.22
C ASP A 190 4.90 4.54 -0.92
N VAL A 191 5.29 3.25 -0.83
CA VAL A 191 5.20 2.55 0.44
C VAL A 191 6.14 3.19 1.45
N LEU A 192 7.35 3.56 1.02
CA LEU A 192 8.31 4.14 1.95
C LEU A 192 7.87 5.53 2.42
N THR A 193 7.27 6.32 1.52
CA THR A 193 6.72 7.61 1.91
C THR A 193 5.59 7.44 2.92
N LEU A 194 4.69 6.48 2.67
CA LEU A 194 3.61 6.19 3.60
C LEU A 194 4.16 5.76 4.96
N LEU A 195 5.17 4.87 4.98
CA LEU A 195 5.76 4.49 6.25
C LEU A 195 6.29 5.70 7.01
N SER A 196 7.01 6.60 6.33
CA SER A 196 7.57 7.79 6.99
C SER A 196 6.48 8.67 7.59
N ILE A 197 5.37 8.84 6.86
CA ILE A 197 4.22 9.56 7.40
C ILE A 197 3.70 8.88 8.66
N CYS A 198 3.51 7.56 8.61
CA CYS A 198 2.97 6.83 9.75
C CYS A 198 3.90 6.84 10.96
N GLN A 199 5.20 7.03 10.75
CA GLN A 199 6.14 7.10 11.85
C GLN A 199 6.07 8.41 12.60
N TRP A 200 5.31 9.36 12.10
CA TRP A 200 5.15 10.66 12.75
C TRP A 200 4.45 10.50 14.10
N LYS A 201 3.38 9.72 14.15
CA LYS A 201 2.64 9.47 15.38
C LYS A 201 2.22 8.02 15.33
N PRO A 202 3.18 7.12 15.51
CA PRO A 202 2.88 5.71 15.18
C PRO A 202 1.85 5.10 16.10
N GLN A 203 1.80 5.48 17.37
CA GLN A 203 0.83 4.85 18.26
C GLN A 203 -0.61 5.12 17.84
N ALA A 204 -0.87 6.17 17.04
CA ALA A 204 -2.22 6.46 16.56
C ALA A 204 -2.58 5.76 15.26
N LEU A 205 -1.62 5.51 14.38
CA LEU A 205 -1.87 4.52 13.35
C LEU A 205 -2.20 3.19 14.00
N LEU A 206 -1.41 2.78 15.00
CA LEU A 206 -1.62 1.47 15.59
C LEU A 206 -2.99 1.38 16.24
N GLN A 207 -3.39 2.41 16.98
CA GLN A 207 -4.67 2.34 17.66
C GLN A 207 -5.81 2.33 16.65
N TRP A 208 -5.70 3.12 15.57
CA TRP A 208 -6.68 3.08 14.49
C TRP A 208 -6.76 1.69 13.91
N VAL A 209 -5.61 1.11 13.60
CA VAL A 209 -5.58 -0.25 13.05
C VAL A 209 -6.19 -1.23 14.03
N ASP A 210 -5.79 -1.16 15.30
CA ASP A 210 -6.27 -2.14 16.26
C ASP A 210 -7.79 -2.07 16.42
N GLU A 211 -8.39 -0.90 16.18
CA GLU A 211 -9.80 -0.71 16.44
C GLU A 211 -10.67 -0.68 15.20
N HIS A 212 -10.13 -0.38 14.04
CA HIS A 212 -10.97 -0.17 12.87
C HIS A 212 -10.57 -1.00 11.66
N ALA A 213 -9.59 -1.89 11.79
CA ALA A 213 -9.26 -2.79 10.70
C ALA A 213 -10.46 -3.67 10.37
N ARG A 214 -10.59 -4.02 9.09
CA ARG A 214 -11.63 -4.91 8.63
C ARG A 214 -11.07 -6.06 7.80
N PRO A 215 -11.81 -7.17 7.69
CA PRO A 215 -11.27 -8.31 6.94
C PRO A 215 -11.14 -7.95 5.47
N PHE A 216 -9.99 -8.32 4.91
CA PHE A 216 -9.82 -8.12 3.47
C PHE A 216 -10.88 -8.88 2.66
N SER A 217 -11.42 -9.97 3.20
CA SER A 217 -12.47 -10.70 2.52
C SER A 217 -13.74 -9.88 2.36
N THR A 218 -13.88 -8.73 3.05
CA THR A 218 -15.05 -7.88 2.78
C THR A 218 -14.87 -7.02 1.55
N VAL A 219 -13.66 -6.90 1.02
CA VAL A 219 -13.40 -5.99 -0.08
C VAL A 219 -13.99 -6.57 -1.36
N LYS A 220 -14.79 -5.81 -2.03
CA LYS A 220 -15.37 -6.23 -3.32
C LYS A 220 -14.42 -5.89 -4.46
N PRO A 221 -14.36 -6.74 -5.48
CA PRO A 221 -13.56 -6.40 -6.66
C PRO A 221 -13.96 -5.08 -7.28
N MET A 222 -12.95 -4.43 -7.85
CA MET A 222 -13.16 -3.16 -8.53
C MET A 222 -14.08 -3.33 -9.73
N TYR A 223 -13.97 -4.43 -10.43
CA TYR A 223 -14.78 -4.72 -11.60
C TYR A 223 -14.84 -6.23 -11.82
N GLY A 224 -15.81 -6.66 -12.63
CA GLY A 224 -16.07 -8.06 -12.85
C GLY A 224 -15.22 -8.67 -13.95
N THR A 225 -14.93 -9.96 -13.79
CA THR A 225 -14.02 -10.66 -14.69
C THR A 225 -14.66 -11.89 -15.34
OH2 1PE B . -6.80 10.71 -2.88
C12 1PE B . -5.40 10.77 -2.75
C22 1PE B . -4.90 9.31 -2.99
OH3 1PE B . -4.22 9.34 -4.24
C13 1PE B . -3.78 7.02 -4.49
C23 1PE B . -3.19 8.40 -4.35
OH4 1PE B . -4.74 7.04 -5.52
C14 1PE B . -5.59 6.32 -7.57
C24 1PE B . -4.54 6.16 -6.51
OH5 1PE B . -6.78 6.67 -6.99
C15 1PE B . -9.19 6.72 -7.03
C25 1PE B . -7.88 6.80 -7.89
OH6 1PE B . -9.35 8.03 -6.43
C16 1PE B . -10.48 9.47 -4.88
C26 1PE B . -10.37 8.06 -5.48
OH7 1PE B . -9.52 9.54 -3.84
HO2 1PE B . -7.10 10.36 -2.18
H121 1PE B . -5.00 11.38 -3.38
H122 1PE B . -5.14 11.07 -1.86
H221 1PE B . -4.32 9.03 -2.26
H222 1PE B . -5.65 8.70 -3.00
H131 1PE B . -3.07 6.39 -4.66
H132 1PE B . -4.16 6.76 -3.63
H231 1PE B . -2.62 8.60 -5.11
H232 1PE B . -2.61 8.43 -3.56
H141 1PE B . -5.27 6.98 -8.21
H142 1PE B . -5.63 5.49 -8.08
H241 1PE B . -3.66 6.27 -6.89
H242 1PE B . -4.58 5.25 -6.16
H151 1PE B . -9.93 6.48 -7.61
H152 1PE B . -9.09 6.01 -6.38
H251 1PE B . -7.85 7.64 -8.37
H252 1PE B . -7.88 6.10 -8.55
H161 1PE B . -10.33 10.13 -5.57
H162 1PE B . -11.38 9.61 -4.56
H261 1PE B . -11.21 7.81 -5.88
H262 1PE B . -10.20 7.42 -4.78
HO7 1PE B . -9.90 9.27 -3.13
OH2 1PE C . -6.44 24.64 18.99
C12 1PE C . -7.24 23.65 19.60
C22 1PE C . -6.87 22.27 18.97
OH3 1PE C . -5.53 21.90 19.41
C13 1PE C . -4.09 20.15 20.22
C23 1PE C . -5.52 20.72 20.16
OH4 1PE C . -4.13 18.74 19.93
C14 1PE C . -5.23 16.78 20.80
C24 1PE C . -4.30 17.95 21.11
OH5 1PE C . -5.43 15.95 21.97
C15 1PE C . -5.08 13.60 21.63
C25 1PE C . -6.10 14.74 21.70
OH6 1PE C . -5.35 12.76 20.50
C16 1PE C . -3.31 12.41 19.27
C26 1PE C . -4.65 13.17 19.36
OH7 1PE C . -2.29 13.38 19.27
HO2 1PE C . -5.68 24.29 18.84
H121 1PE C . -7.11 23.63 20.56
H122 1PE C . -8.19 23.84 19.48
H221 1PE C . -7.54 21.61 19.23
H222 1PE C . -6.93 22.34 18.00
H131 1PE C . -3.54 20.64 19.59
H132 1PE C . -3.72 20.33 21.10
H231 1PE C . -5.84 20.88 21.06
H232 1PE C . -6.12 20.07 19.78
H141 1PE C . -6.06 17.15 20.45
H142 1PE C . -4.84 16.28 20.06
H241 1PE C . -3.44 17.63 21.44
H242 1PE C . -4.67 18.49 21.83
H151 1PE C . -4.19 13.99 21.60
H152 1PE C . -5.13 13.11 22.48
H251 1PE C . -6.76 14.56 22.39
H252 1PE C . -6.58 14.81 20.87
H161 1PE C . -3.25 11.80 20.01
H162 1PE C . -3.31 11.87 18.47
H261 1PE C . -5.16 13.02 18.55
H262 1PE C . -4.47 14.13 19.39
HO7 1PE C . -2.19 13.65 18.47
OH2 1PE D . -10.28 18.71 10.96
C12 1PE D . -10.99 17.91 10.06
C22 1PE D . -9.97 16.95 9.42
OH3 1PE D . -10.22 16.85 8.03
C13 1PE D . -11.93 16.22 6.58
C23 1PE D . -11.05 15.78 7.74
OH4 1PE D . -11.22 15.97 5.35
C14 1PE D . -11.40 15.91 2.96
C24 1PE D . -12.08 15.56 4.29
OH5 1PE D . -11.72 14.90 2.01
C15 1PE D . -9.75 14.49 0.72
C25 1PE D . -11.15 15.11 0.73
OH6 1PE D . -9.77 13.35 -0.16
C16 1PE D . -9.60 10.99 -0.47
C26 1PE D . -9.84 12.11 0.55
OH7 1PE D . -10.20 9.83 0.04
HO2 1PE D . -10.16 19.46 10.58
H121 1PE D . -11.69 17.41 10.50
H122 1PE D . -11.44 18.44 9.38
H221 1PE D . -9.07 17.28 9.60
H222 1PE D . -10.03 16.09 9.85
H131 1PE D . -12.78 15.73 6.62
H132 1PE D . -12.16 17.15 6.69
H231 1PE D . -10.54 14.99 7.49
H232 1PE D . -11.59 15.53 8.50
H141 1PE D . -11.70 16.79 2.69
H142 1PE D . -10.45 16.00 3.12
H241 1PE D . -12.27 14.61 4.33
H242 1PE D . -12.94 16.00 4.34
H151 1PE D . -9.12 15.17 0.43
H152 1PE D . -9.51 14.27 1.63
H251 1PE D . -11.70 14.72 0.03
H252 1PE D . -11.10 16.06 0.52
H161 1PE D . -8.65 10.89 -0.63
H162 1PE D . -9.98 11.26 -1.33
H261 1PE D . -9.18 12.08 1.25
H262 1PE D . -10.71 12.00 0.98
HO7 1PE D . -9.67 9.51 0.62
NA NA E . -18.14 -4.92 -14.09
NA NA F . -6.84 5.96 -17.01
O5' D5M G . -1.59 5.56 -8.20
C5' D5M G . -1.78 4.19 -8.52
C4' D5M G . -2.20 4.05 -9.96
O4' D5M G . -3.35 4.89 -10.23
C3' D5M G . -1.18 4.46 -10.97
O3' D5M G . -0.27 3.37 -11.16
C2' D5M G . -2.03 4.67 -12.20
C1' D5M G . -3.23 5.43 -11.60
N9 D5M G . -3.12 6.85 -11.53
C8 D5M G . -2.89 7.57 -10.44
N7 D5M G . -2.86 8.91 -10.70
C5 D5M G . -3.14 8.91 -12.15
C6 D5M G . -3.27 9.90 -13.10
N6 D5M G . -3.10 11.26 -12.66
N1 D5M G . -3.54 9.60 -14.35
C2 D5M G . -3.69 8.29 -14.65
N3 D5M G . -3.57 7.21 -13.84
C4 D5M G . -3.32 7.59 -12.61
P D5M G . -0.35 5.92 -7.21
O1P D5M G . -0.26 5.18 -6.00
O3P D5M G . -0.48 7.38 -6.87
O2P D5M G . 0.94 5.82 -7.95
H5'1 D5M G . -2.55 3.78 -7.88
H5'2 D5M G . -0.85 3.65 -8.36
H4' D5M G . -2.39 2.99 -10.08
H1 D5M G . -0.60 5.34 -10.70
H3' D5M G . 0.59 3.62 -10.87
H2'1 D5M G . -2.33 3.73 -12.63
H2'2 D5M G . -1.50 5.28 -12.94
H1' D5M G . -4.09 5.27 -12.24
H8 D5M G . -2.76 7.14 -9.44
HN61 D5M G . -2.94 11.46 -11.68
HN62 D5M G . -3.15 12.01 -13.32
H2 D5M G . -3.92 8.07 -15.69
MG MG H . -0.83 4.42 -4.39
MG MG I . 2.05 4.47 -5.91
#